data_8R18
#
_entry.id   8R18
#
_cell.length_a   96.507
_cell.length_b   96.507
_cell.length_c   80.201
_cell.angle_alpha   90.000
_cell.angle_beta   90.000
_cell.angle_gamma   120.000
#
_symmetry.space_group_name_H-M   'P 65'
#
loop_
_entity.id
_entity.type
_entity.pdbx_description
1 polymer 'Serine/threonine-protein kinase pim-1'
2 polymer Pimtide
3 non-polymer GLYCEROL
4 non-polymer '(E)-4-(4-hydroxystyryl)benzoic acid'
5 non-polymer 1,2-ETHANEDIOL
6 water water
#
loop_
_entity_poly.entity_id
_entity_poly.type
_entity_poly.pdbx_seq_one_letter_code
_entity_poly.pdbx_strand_id
1 'polypeptide(L)'
;SMLLSKINSLAHLRAAPCNDLHATKLAPGKEKEPLESQYQVGPLLGSGGFGSVYSGIRVSDNLPVAIKHVEKDRISDWGE
LPNGTRVPMEVVLLKKVSSGFSGVIRLLDWFERPDSFVLILERPEPVQDLFDFITERGALQEELARSFFWQVLEAVRHCH
NCGVLHRDIKDENILIDLNRGELKLIDFGSGALLKDTVYTDFDGTRVYSPPEWIRYHRYHGRSAAVWSLGILLYDMVCGD
IPFEHDEEIIGGQVFFRQRVS(SEP)ECQHLIRWCLALRPSDRPTFEEIQNHPWMQDVLLPQETAEIHLHSLSPGPS
;
A
2 'polypeptide(L)' ARKRRRHPSGPPTA C
#
# COMPACT_ATOMS: atom_id res chain seq x y z
N PRO A 34 3.71 29.14 8.94
CA PRO A 34 3.09 29.37 7.63
C PRO A 34 3.59 28.39 6.56
N LEU A 35 2.66 27.77 5.83
CA LEU A 35 3.04 26.76 4.84
C LEU A 35 3.76 27.38 3.65
N GLU A 36 3.18 28.44 3.07
CA GLU A 36 3.72 29.01 1.84
C GLU A 36 5.10 29.63 2.03
N SER A 37 5.54 29.83 3.27
CA SER A 37 6.87 30.37 3.52
C SER A 37 7.92 29.27 3.66
N GLN A 38 7.55 28.13 4.25
CA GLN A 38 8.50 27.03 4.41
C GLN A 38 8.68 26.21 3.14
N TYR A 39 7.75 26.29 2.19
CA TYR A 39 7.77 25.43 1.03
C TYR A 39 7.51 26.24 -0.23
N GLN A 40 8.35 26.03 -1.24
CA GLN A 40 8.01 26.47 -2.59
C GLN A 40 7.11 25.41 -3.22
N VAL A 41 5.88 25.81 -3.56
CA VAL A 41 4.88 24.88 -4.07
C VAL A 41 4.99 24.82 -5.59
N GLY A 42 5.00 23.61 -6.12
CA GLY A 42 5.07 23.39 -7.54
C GLY A 42 3.77 22.85 -8.10
N PRO A 43 3.83 22.22 -9.27
CA PRO A 43 2.62 21.79 -9.96
C PRO A 43 2.06 20.50 -9.38
N LEU A 44 0.83 20.22 -9.79
CA LEU A 44 0.16 18.98 -9.42
C LEU A 44 1.00 17.77 -9.83
N LEU A 45 1.05 16.77 -8.95
CA LEU A 45 1.72 15.51 -9.25
C LEU A 45 0.70 14.51 -9.79
N GLY A 46 1.11 13.77 -10.83
CA GLY A 46 0.28 12.69 -11.37
C GLY A 46 -1.12 13.10 -11.80
N SER A 47 -1.35 14.39 -12.07
CA SER A 47 -2.62 14.90 -12.58
C SER A 47 -3.82 14.48 -11.73
N GLY A 48 -3.61 14.41 -10.40
CA GLY A 48 -4.67 14.11 -9.47
C GLY A 48 -4.82 12.66 -9.09
N GLY A 49 -4.11 11.75 -9.77
CA GLY A 49 -4.25 10.32 -9.52
C GLY A 49 -3.90 9.89 -8.12
N PHE A 50 -3.07 10.66 -7.40
CA PHE A 50 -2.77 10.42 -6.00
C PHE A 50 -3.70 11.19 -5.07
N GLY A 51 -4.60 11.98 -5.62
CA GLY A 51 -5.33 12.97 -4.88
C GLY A 51 -4.78 14.35 -5.18
N SER A 52 -5.08 15.28 -4.30
CA SER A 52 -4.58 16.64 -4.47
C SER A 52 -3.18 16.71 -3.88
N VAL A 53 -2.22 16.22 -4.68
CA VAL A 53 -0.83 16.11 -4.28
C VAL A 53 0.01 16.95 -5.23
N TYR A 54 0.79 17.88 -4.67
CA TYR A 54 1.60 18.80 -5.44
C TYR A 54 3.08 18.58 -5.13
N SER A 55 3.92 18.87 -6.13
CA SER A 55 5.35 18.89 -5.91
C SER A 55 5.74 20.08 -5.04
N GLY A 56 6.77 19.88 -4.22
CA GLY A 56 7.23 20.94 -3.35
C GLY A 56 8.70 20.75 -3.04
N ILE A 57 9.30 21.82 -2.52
CA ILE A 57 10.66 21.78 -2.01
C ILE A 57 10.69 22.57 -0.71
N ARG A 58 11.30 21.98 0.32
CA ARG A 58 11.43 22.69 1.59
C ARG A 58 12.49 23.77 1.45
N VAL A 59 12.10 25.02 1.70
CA VAL A 59 13.04 26.13 1.53
C VAL A 59 14.21 25.99 2.49
N SER A 60 14.00 25.35 3.64
CA SER A 60 15.05 25.22 4.65
C SER A 60 16.29 24.53 4.08
N ASP A 61 16.10 23.47 3.30
CA ASP A 61 17.25 22.69 2.84
C ASP A 61 17.08 22.12 1.44
N ASN A 62 16.14 22.66 0.64
CA ASN A 62 15.85 22.20 -0.71
C ASN A 62 15.39 20.74 -0.77
N LEU A 63 14.91 20.20 0.35
CA LEU A 63 14.45 18.81 0.37
C LEU A 63 13.20 18.67 -0.48
N PRO A 64 13.15 17.71 -1.40
CA PRO A 64 11.93 17.48 -2.18
C PRO A 64 10.82 16.90 -1.31
N VAL A 65 9.61 17.43 -1.46
CA VAL A 65 8.46 16.95 -0.69
C VAL A 65 7.27 16.78 -1.62
N ALA A 66 6.30 16.01 -1.14
CA ALA A 66 4.99 15.88 -1.76
C ALA A 66 3.96 16.50 -0.82
N ILE A 67 3.14 17.41 -1.34
CA ILE A 67 2.24 18.21 -0.52
C ILE A 67 0.83 17.74 -0.81
N LYS A 68 0.22 17.06 0.15
CA LYS A 68 -1.08 16.44 -0.03
C LYS A 68 -2.15 17.21 0.75
N HIS A 69 -3.24 17.55 0.07
CA HIS A 69 -4.34 18.31 0.66
C HIS A 69 -5.55 17.40 0.79
N VAL A 70 -6.20 17.46 1.95
CA VAL A 70 -7.41 16.68 2.20
C VAL A 70 -8.48 17.62 2.71
N GLU A 71 -9.68 17.54 2.14
CA GLU A 71 -10.78 18.41 2.55
C GLU A 71 -11.44 17.89 3.81
N LYS A 72 -11.65 18.77 4.79
CA LYS A 72 -12.29 18.38 6.04
C LYS A 72 -13.68 17.78 5.78
N ASP A 73 -14.42 18.39 4.85
CA ASP A 73 -15.77 17.93 4.55
C ASP A 73 -15.81 16.49 4.04
N ARG A 74 -14.72 16.01 3.45
CA ARG A 74 -14.67 14.68 2.86
C ARG A 74 -13.99 13.66 3.77
N ILE A 75 -13.59 14.05 4.97
CA ILE A 75 -12.87 13.16 5.88
C ILE A 75 -13.88 12.43 6.76
N SER A 76 -13.85 11.10 6.71
CA SER A 76 -14.77 10.24 7.45
C SER A 76 -14.30 9.98 8.88
N ASP A 77 -13.07 9.51 9.05
CA ASP A 77 -12.57 9.08 10.35
C ASP A 77 -11.62 10.14 10.92
N TRP A 78 -11.86 10.49 12.18
CA TRP A 78 -11.02 11.44 12.89
C TRP A 78 -10.38 10.76 14.09
N GLY A 79 -9.23 11.27 14.49
CA GLY A 79 -8.59 10.81 15.70
C GLY A 79 -7.98 11.96 16.46
N GLU A 80 -7.22 11.65 17.50
CA GLU A 80 -6.53 12.67 18.28
C GLU A 80 -5.04 12.36 18.30
N LEU A 81 -4.22 13.41 18.17
CA LEU A 81 -2.79 13.26 18.31
C LEU A 81 -2.45 12.96 19.77
N PRO A 82 -1.23 12.47 20.05
CA PRO A 82 -0.85 12.20 21.44
C PRO A 82 -1.09 13.35 22.40
N ASN A 83 -1.04 14.61 21.93
CA ASN A 83 -1.35 15.73 22.79
C ASN A 83 -2.87 15.93 22.93
N GLY A 84 -3.65 15.57 21.91
CA GLY A 84 -5.09 15.64 22.01
C GLY A 84 -5.77 16.39 20.89
N THR A 85 -4.99 17.00 20.00
CA THR A 85 -5.57 17.78 18.91
C THR A 85 -6.36 16.88 17.95
N ARG A 86 -7.49 17.39 17.47
CA ARG A 86 -8.36 16.62 16.59
C ARG A 86 -7.86 16.74 15.15
N VAL A 87 -7.47 15.60 14.57
CA VAL A 87 -6.90 15.57 13.22
C VAL A 87 -7.50 14.40 12.46
N PRO A 88 -7.41 14.42 11.13
CA PRO A 88 -7.81 13.24 10.35
C PRO A 88 -7.05 12.01 10.82
N MET A 89 -7.75 10.86 10.80
CA MET A 89 -7.10 9.59 11.12
C MET A 89 -5.85 9.36 10.28
N GLU A 90 -5.88 9.79 9.01
CA GLU A 90 -4.72 9.63 8.15
C GLU A 90 -3.48 10.25 8.78
N VAL A 91 -3.62 11.41 9.43
CA VAL A 91 -2.48 12.03 10.09
C VAL A 91 -2.06 11.23 11.31
N VAL A 92 -3.04 10.74 12.10
CA VAL A 92 -2.72 9.90 13.26
C VAL A 92 -1.87 8.71 12.84
N LEU A 93 -2.31 8.01 11.78
CA LEU A 93 -1.64 6.79 11.36
C LEU A 93 -0.27 7.09 10.77
N LEU A 94 -0.18 8.15 9.94
CA LEU A 94 1.10 8.54 9.37
C LEU A 94 2.10 8.90 10.46
N LYS A 95 1.67 9.65 11.48
CA LYS A 95 2.59 9.98 12.57
C LYS A 95 3.07 8.73 13.27
N LYS A 96 2.18 7.75 13.45
CA LYS A 96 2.56 6.53 14.17
C LYS A 96 3.62 5.73 13.41
N VAL A 97 3.63 5.75 12.08
CA VAL A 97 4.61 4.97 11.34
C VAL A 97 5.81 5.79 10.91
N SER A 98 5.89 7.07 11.29
CA SER A 98 6.88 7.99 10.74
C SER A 98 8.29 7.83 11.31
N SER A 99 8.62 6.72 11.96
CA SER A 99 9.92 6.59 12.62
C SER A 99 10.88 5.74 11.78
N GLY A 100 11.55 6.40 10.84
CA GLY A 100 12.82 5.91 10.30
C GLY A 100 12.85 4.77 9.30
N PHE A 101 11.90 3.83 9.39
CA PHE A 101 11.89 2.70 8.46
C PHE A 101 11.55 3.20 7.06
N SER A 102 12.41 2.90 6.10
CA SER A 102 12.23 3.43 4.77
C SER A 102 11.10 2.75 4.00
N GLY A 103 10.38 1.80 4.60
CA GLY A 103 9.37 1.06 3.86
C GLY A 103 8.03 1.75 3.74
N VAL A 104 7.78 2.74 4.59
N VAL A 104 7.77 2.76 4.57
CA VAL A 104 6.55 3.51 4.59
CA VAL A 104 6.52 3.52 4.52
C VAL A 104 6.91 4.98 4.36
C VAL A 104 6.86 4.97 4.24
N ILE A 105 6.13 5.65 3.50
N ILE A 105 5.93 5.69 3.60
CA ILE A 105 6.44 7.06 3.26
CA ILE A 105 6.14 7.10 3.29
C ILE A 105 6.32 7.83 4.56
C ILE A 105 6.24 7.88 4.61
N ARG A 106 7.16 8.84 4.68
CA ARG A 106 7.37 9.59 5.91
C ARG A 106 6.61 10.92 5.87
N LEU A 107 5.75 11.13 6.86
CA LEU A 107 5.13 12.44 7.08
C LEU A 107 6.12 13.36 7.79
N LEU A 108 6.48 14.46 7.13
CA LEU A 108 7.45 15.40 7.69
C LEU A 108 6.81 16.50 8.53
N ASP A 109 5.57 16.86 8.23
CA ASP A 109 4.87 17.94 8.92
C ASP A 109 3.45 17.95 8.40
N TRP A 110 2.59 18.68 9.10
CA TRP A 110 1.22 18.88 8.64
C TRP A 110 0.75 20.23 9.13
N PHE A 111 -0.29 20.76 8.45
CA PHE A 111 -0.85 22.06 8.75
C PHE A 111 -2.36 21.94 8.71
N GLU A 112 -3.04 22.70 9.56
CA GLU A 112 -4.49 22.80 9.47
C GLU A 112 -4.86 24.14 8.85
N ARG A 113 -5.82 24.10 7.93
CA ARG A 113 -6.38 25.28 7.28
C ARG A 113 -7.87 25.35 7.60
N PRO A 114 -8.54 26.46 7.30
CA PRO A 114 -9.99 26.53 7.60
C PRO A 114 -10.79 25.35 7.09
N ASP A 115 -10.57 24.92 5.84
CA ASP A 115 -11.39 23.88 5.23
C ASP A 115 -10.62 22.60 4.91
N SER A 116 -9.36 22.47 5.37
CA SER A 116 -8.56 21.34 4.92
C SER A 116 -7.37 21.14 5.86
N PHE A 117 -6.74 19.97 5.69
CA PHE A 117 -5.43 19.68 6.26
C PHE A 117 -4.43 19.52 5.13
N VAL A 118 -3.20 19.96 5.37
CA VAL A 118 -2.11 19.84 4.40
C VAL A 118 -1.06 18.92 5.01
N LEU A 119 -0.64 17.91 4.26
CA LEU A 119 0.34 16.94 4.72
C LEU A 119 1.62 17.10 3.91
N ILE A 120 2.75 17.24 4.59
CA ILE A 120 4.04 17.31 3.93
C ILE A 120 4.67 15.92 3.99
N LEU A 121 4.80 15.26 2.85
CA LEU A 121 5.36 13.93 2.78
C LEU A 121 6.72 13.99 2.08
N GLU A 122 7.59 13.04 2.42
CA GLU A 122 8.83 12.89 1.70
C GLU A 122 8.54 12.56 0.24
N ARG A 123 9.43 12.96 -0.65
CA ARG A 123 9.27 12.68 -2.07
C ARG A 123 10.54 12.02 -2.59
N PRO A 124 10.57 10.69 -2.67
CA PRO A 124 11.71 10.02 -3.31
C PRO A 124 11.71 10.33 -4.80
N GLU A 125 12.92 10.33 -5.38
CA GLU A 125 13.10 10.61 -6.80
C GLU A 125 14.31 9.83 -7.30
N PRO A 126 14.24 9.22 -8.50
CA PRO A 126 13.09 9.11 -9.38
C PRO A 126 12.19 7.97 -8.91
N VAL A 127 10.88 8.06 -9.11
CA VAL A 127 9.96 7.01 -8.70
C VAL A 127 9.04 6.67 -9.85
N GLN A 128 8.45 5.50 -9.76
CA GLN A 128 7.29 5.11 -10.54
C GLN A 128 6.42 4.27 -9.62
N ASP A 129 5.10 4.44 -9.67
CA ASP A 129 4.32 3.58 -8.81
C ASP A 129 4.26 2.18 -9.41
N LEU A 130 3.95 1.21 -8.55
CA LEU A 130 4.02 -0.18 -8.97
C LEU A 130 2.93 -0.53 -9.97
N PHE A 131 1.79 0.17 -9.94
CA PHE A 131 0.78 -0.09 -10.96
C PHE A 131 1.33 0.20 -12.34
N ASP A 132 1.91 1.39 -12.52
CA ASP A 132 2.45 1.77 -13.83
C ASP A 132 3.63 0.89 -14.23
N PHE A 133 4.43 0.50 -13.24
CA PHE A 133 5.59 -0.37 -13.49
C PHE A 133 5.15 -1.70 -14.09
N ILE A 134 4.15 -2.33 -13.49
CA ILE A 134 3.63 -3.61 -13.98
C ILE A 134 2.95 -3.44 -15.33
N THR A 135 2.19 -2.36 -15.52
CA THR A 135 1.59 -2.13 -16.83
C THR A 135 2.65 -2.07 -17.93
N GLU A 136 3.75 -1.36 -17.67
CA GLU A 136 4.77 -1.18 -18.69
C GLU A 136 5.60 -2.45 -18.89
N ARG A 137 5.90 -3.17 -17.81
CA ARG A 137 6.81 -4.29 -17.93
C ARG A 137 6.10 -5.63 -18.07
N GLY A 138 4.78 -5.69 -17.80
CA GLY A 138 4.08 -6.95 -17.81
C GLY A 138 4.32 -7.71 -16.52
N ALA A 139 3.99 -9.01 -16.56
CA ALA A 139 4.28 -9.88 -15.42
C ALA A 139 5.77 -9.84 -15.09
N LEU A 140 6.07 -9.70 -13.80
CA LEU A 140 7.45 -9.56 -13.34
C LEU A 140 8.12 -10.92 -13.15
N GLN A 141 9.41 -10.98 -13.47
CA GLN A 141 10.22 -12.14 -13.11
C GLN A 141 10.05 -12.44 -11.63
N GLU A 142 10.03 -13.73 -11.28
CA GLU A 142 9.77 -14.09 -9.88
C GLU A 142 10.84 -13.55 -8.94
N GLU A 143 12.09 -13.46 -9.39
CA GLU A 143 13.12 -12.89 -8.53
C GLU A 143 12.80 -11.44 -8.18
N LEU A 144 12.26 -10.69 -9.15
CA LEU A 144 11.89 -9.30 -8.90
C LEU A 144 10.62 -9.21 -8.06
N ALA A 145 9.60 -10.03 -8.38
CA ALA A 145 8.41 -10.09 -7.54
C ALA A 145 8.76 -10.47 -6.11
N ARG A 146 9.69 -11.40 -5.92
CA ARG A 146 10.09 -11.80 -4.57
C ARG A 146 10.67 -10.62 -3.80
N SER A 147 11.57 -9.87 -4.44
CA SER A 147 12.17 -8.72 -3.77
C SER A 147 11.11 -7.67 -3.43
N PHE A 148 10.24 -7.33 -4.39
CA PHE A 148 9.20 -6.34 -4.11
C PHE A 148 8.24 -6.83 -3.03
N PHE A 149 7.79 -8.08 -3.12
CA PHE A 149 6.81 -8.59 -2.16
C PHE A 149 7.40 -8.61 -0.76
N TRP A 150 8.65 -9.06 -0.63
CA TRP A 150 9.33 -9.05 0.66
C TRP A 150 9.35 -7.66 1.27
N GLN A 151 9.70 -6.65 0.46
CA GLN A 151 9.75 -5.30 1.00
C GLN A 151 8.37 -4.82 1.43
N VAL A 152 7.32 -5.19 0.68
CA VAL A 152 5.97 -4.83 1.08
C VAL A 152 5.61 -5.52 2.40
N LEU A 153 5.97 -6.80 2.53
CA LEU A 153 5.71 -7.49 3.80
C LEU A 153 6.41 -6.79 4.96
N GLU A 154 7.66 -6.38 4.77
CA GLU A 154 8.34 -5.71 5.89
C GLU A 154 7.68 -4.38 6.22
N ALA A 155 7.22 -3.65 5.20
CA ALA A 155 6.55 -2.37 5.42
C ALA A 155 5.21 -2.55 6.14
N VAL A 156 4.44 -3.57 5.74
CA VAL A 156 3.18 -3.84 6.42
C VAL A 156 3.42 -4.30 7.85
N ARG A 157 4.45 -5.12 8.08
CA ARG A 157 4.81 -5.50 9.45
C ARG A 157 5.15 -4.26 10.29
N HIS A 158 5.87 -3.31 9.70
CA HIS A 158 6.18 -2.06 10.41
C HIS A 158 4.90 -1.34 10.81
N CYS A 159 3.94 -1.24 9.87
CA CYS A 159 2.66 -0.63 10.19
C CYS A 159 1.99 -1.33 11.37
N HIS A 160 1.80 -2.64 11.28
CA HIS A 160 1.16 -3.37 12.35
C HIS A 160 1.93 -3.22 13.67
N ASN A 161 3.26 -3.26 13.60
CA ASN A 161 4.08 -3.05 14.80
C ASN A 161 3.82 -1.71 15.45
N CYS A 162 3.51 -0.69 14.64
CA CYS A 162 3.20 0.65 15.11
C CYS A 162 1.71 0.87 15.42
N GLY A 163 0.89 -0.19 15.37
CA GLY A 163 -0.52 -0.07 15.69
C GLY A 163 -1.39 0.46 14.58
N VAL A 164 -0.96 0.32 13.33
CA VAL A 164 -1.62 0.89 12.16
C VAL A 164 -2.02 -0.24 11.19
N LEU A 165 -3.27 -0.21 10.74
CA LEU A 165 -3.76 -1.10 9.68
C LEU A 165 -4.02 -0.26 8.44
N HIS A 166 -3.36 -0.62 7.32
CA HIS A 166 -3.40 0.25 6.12
C HIS A 166 -4.75 0.14 5.41
N ARG A 167 -5.24 -1.08 5.22
CA ARG A 167 -6.53 -1.40 4.58
C ARG A 167 -6.62 -0.99 3.11
N ASP A 168 -5.53 -0.63 2.45
CA ASP A 168 -5.63 -0.37 1.01
C ASP A 168 -4.32 -0.75 0.33
N ILE A 169 -3.76 -1.89 0.71
CA ILE A 169 -2.56 -2.40 0.04
C ILE A 169 -2.93 -2.76 -1.40
N LYS A 170 -2.26 -2.12 -2.37
CA LYS A 170 -2.44 -2.43 -3.78
C LYS A 170 -1.25 -1.82 -4.54
N ASP A 171 -1.07 -2.24 -5.80
CA ASP A 171 0.10 -1.73 -6.53
C ASP A 171 0.01 -0.22 -6.72
N GLU A 172 -1.19 0.35 -6.80
CA GLU A 172 -1.31 1.81 -6.96
C GLU A 172 -0.77 2.56 -5.75
N ASN A 173 -0.72 1.93 -4.58
CA ASN A 173 -0.29 2.57 -3.35
C ASN A 173 1.12 2.16 -2.95
N ILE A 174 1.94 1.80 -3.93
CA ILE A 174 3.33 1.43 -3.70
C ILE A 174 4.20 2.22 -4.68
N LEU A 175 5.17 2.96 -4.14
CA LEU A 175 6.11 3.72 -4.95
C LEU A 175 7.44 2.98 -5.01
N ILE A 176 8.04 2.92 -6.20
CA ILE A 176 9.35 2.30 -6.38
C ILE A 176 10.39 3.41 -6.53
N ASP A 177 11.36 3.45 -5.63
CA ASP A 177 12.56 4.27 -5.82
C ASP A 177 13.45 3.53 -6.82
N LEU A 178 13.48 4.02 -8.06
CA LEU A 178 14.15 3.28 -9.12
C LEU A 178 15.67 3.26 -8.97
N ASN A 179 16.25 4.24 -8.27
CA ASN A 179 17.70 4.22 -8.07
C ASN A 179 18.11 3.32 -6.93
N ARG A 180 17.37 3.33 -5.83
CA ARG A 180 17.75 2.57 -4.65
C ARG A 180 17.09 1.19 -4.57
N GLY A 181 16.12 0.90 -5.44
CA GLY A 181 15.43 -0.38 -5.36
C GLY A 181 14.59 -0.55 -4.11
N GLU A 182 14.13 0.55 -3.50
CA GLU A 182 13.35 0.49 -2.28
C GLU A 182 11.91 0.89 -2.57
N LEU A 183 10.98 0.14 -2.00
CA LEU A 183 9.55 0.38 -2.18
C LEU A 183 8.99 1.16 -0.99
N LYS A 184 8.01 2.02 -1.27
CA LYS A 184 7.35 2.81 -0.24
C LYS A 184 5.85 2.63 -0.31
N LEU A 185 5.24 2.27 0.82
CA LEU A 185 3.79 2.18 0.94
C LEU A 185 3.22 3.57 1.20
N ILE A 186 2.21 3.96 0.41
CA ILE A 186 1.64 5.30 0.53
C ILE A 186 0.13 5.21 0.77
N ASP A 187 -0.49 6.37 0.99
CA ASP A 187 -1.93 6.57 1.08
C ASP A 187 -2.58 5.80 2.22
N PHE A 188 -2.51 6.38 3.42
CA PHE A 188 -3.14 5.86 4.62
C PHE A 188 -4.55 6.38 4.81
N GLY A 189 -5.18 6.90 3.74
CA GLY A 189 -6.48 7.54 3.81
C GLY A 189 -7.64 6.61 4.06
N SER A 190 -7.42 5.30 3.97
CA SER A 190 -8.44 4.30 4.26
C SER A 190 -8.09 3.49 5.49
N GLY A 191 -7.02 3.85 6.19
CA GLY A 191 -6.50 3.04 7.25
C GLY A 191 -7.27 3.20 8.56
N ALA A 192 -6.83 2.44 9.55
CA ALA A 192 -7.41 2.52 10.89
C ALA A 192 -6.37 2.12 11.91
N LEU A 193 -6.63 2.45 13.18
CA LEU A 193 -5.83 1.88 14.24
C LEU A 193 -5.97 0.37 14.20
N LEU A 194 -4.87 -0.33 14.34
CA LEU A 194 -4.93 -1.78 14.38
C LEU A 194 -5.62 -2.24 15.66
N LYS A 195 -6.61 -3.11 15.52
CA LYS A 195 -7.26 -3.73 16.66
C LYS A 195 -7.40 -5.23 16.39
N ASP A 196 -7.63 -6.00 17.46
CA ASP A 196 -7.80 -7.44 17.35
C ASP A 196 -9.26 -7.86 17.24
N THR A 197 -10.19 -6.93 17.45
CA THR A 197 -11.63 -7.20 17.33
C THR A 197 -12.07 -6.99 15.88
N VAL A 198 -13.33 -7.26 15.60
CA VAL A 198 -13.81 -7.32 14.21
C VAL A 198 -14.01 -5.91 13.67
N TYR A 199 -13.70 -5.72 12.39
CA TYR A 199 -14.01 -4.51 11.65
C TYR A 199 -15.33 -4.69 10.91
N THR A 200 -16.21 -3.69 10.99
CA THR A 200 -17.47 -3.73 10.26
C THR A 200 -17.60 -2.62 9.24
N ASP A 201 -16.57 -1.80 9.06
CA ASP A 201 -16.53 -0.75 8.06
C ASP A 201 -15.34 -0.98 7.15
N PHE A 202 -15.43 -0.51 5.90
CA PHE A 202 -14.31 -0.64 4.98
C PHE A 202 -14.49 0.33 3.83
N ASP A 203 -13.44 1.09 3.51
CA ASP A 203 -13.50 2.01 2.38
C ASP A 203 -12.25 1.93 1.49
N GLY A 204 -11.53 0.82 1.50
CA GLY A 204 -10.40 0.60 0.62
C GLY A 204 -10.87 0.15 -0.75
N THR A 205 -10.02 -0.61 -1.44
CA THR A 205 -10.29 -1.00 -2.83
C THR A 205 -11.00 -2.36 -2.86
N ARG A 206 -12.18 -2.41 -3.46
CA ARG A 206 -13.02 -3.59 -3.33
C ARG A 206 -12.37 -4.82 -3.97
N VAL A 207 -11.69 -4.66 -5.10
CA VAL A 207 -11.11 -5.83 -5.76
C VAL A 207 -9.89 -6.38 -5.02
N TYR A 208 -9.41 -5.67 -4.00
CA TYR A 208 -8.40 -6.24 -3.09
C TYR A 208 -9.00 -6.68 -1.75
N SER A 209 -10.34 -6.56 -1.57
CA SER A 209 -10.98 -6.84 -0.29
C SER A 209 -11.33 -8.32 -0.19
N PRO A 210 -11.43 -8.86 1.03
CA PRO A 210 -11.54 -10.32 1.19
C PRO A 210 -12.98 -10.78 1.10
N PRO A 211 -13.19 -12.08 0.85
CA PRO A 211 -14.56 -12.58 0.68
C PRO A 211 -15.43 -12.45 1.91
N GLU A 212 -14.86 -12.48 3.12
CA GLU A 212 -15.70 -12.27 4.30
C GLU A 212 -16.22 -10.83 4.35
N TRP A 213 -15.49 -9.88 3.75
CA TRP A 213 -16.04 -8.54 3.63
C TRP A 213 -17.18 -8.50 2.61
N ILE A 214 -16.95 -9.10 1.44
CA ILE A 214 -18.00 -9.16 0.41
C ILE A 214 -19.25 -9.83 0.98
N ARG A 215 -19.07 -10.97 1.66
CA ARG A 215 -20.22 -11.78 2.06
C ARG A 215 -20.91 -11.25 3.31
N TYR A 216 -20.14 -10.79 4.29
CA TYR A 216 -20.68 -10.53 5.61
C TYR A 216 -20.43 -9.12 6.15
N HIS A 217 -19.69 -8.29 5.43
N HIS A 217 -19.70 -8.28 5.41
CA HIS A 217 -19.35 -6.94 5.90
CA HIS A 217 -19.31 -6.95 5.88
C HIS A 217 -18.62 -7.01 7.24
C HIS A 217 -18.63 -7.03 7.24
N ARG A 218 -17.78 -8.03 7.40
CA ARG A 218 -17.04 -8.26 8.64
C ARG A 218 -15.68 -8.85 8.28
N TYR A 219 -14.62 -8.36 8.94
CA TYR A 219 -13.29 -8.93 8.71
C TYR A 219 -12.43 -8.59 9.92
N HIS A 220 -11.38 -9.37 10.09
CA HIS A 220 -10.31 -9.06 11.03
C HIS A 220 -9.09 -8.53 10.26
N GLY A 221 -8.33 -7.66 10.91
CA GLY A 221 -7.40 -6.80 10.16
C GLY A 221 -6.26 -7.56 9.52
N ARG A 222 -5.60 -8.43 10.28
N ARG A 222 -5.60 -8.44 10.28
CA ARG A 222 -4.41 -9.11 9.78
CA ARG A 222 -4.39 -9.07 9.75
C ARG A 222 -4.75 -10.05 8.63
C ARG A 222 -4.70 -10.10 8.66
N SER A 223 -5.77 -10.89 8.82
CA SER A 223 -6.12 -11.86 7.78
C SER A 223 -6.67 -11.19 6.54
N ALA A 224 -7.35 -10.04 6.69
CA ALA A 224 -7.75 -9.27 5.52
C ALA A 224 -6.52 -8.70 4.80
N ALA A 225 -5.51 -8.26 5.56
CA ALA A 225 -4.30 -7.75 4.93
C ALA A 225 -3.61 -8.84 4.12
N VAL A 226 -3.54 -10.04 4.67
CA VAL A 226 -2.95 -11.18 3.97
C VAL A 226 -3.69 -11.48 2.67
N TRP A 227 -5.03 -11.42 2.69
CA TRP A 227 -5.77 -11.58 1.44
C TRP A 227 -5.33 -10.55 0.40
N SER A 228 -5.27 -9.26 0.78
CA SER A 228 -4.87 -8.24 -0.20
C SER A 228 -3.43 -8.45 -0.68
N LEU A 229 -2.59 -9.04 0.15
CA LEU A 229 -1.22 -9.35 -0.26
C LEU A 229 -1.18 -10.50 -1.25
N GLY A 230 -2.06 -11.50 -1.09
CA GLY A 230 -2.20 -12.52 -2.14
C GLY A 230 -2.63 -11.94 -3.47
N ILE A 231 -3.56 -10.98 -3.46
CA ILE A 231 -3.98 -10.30 -4.69
C ILE A 231 -2.79 -9.57 -5.31
N LEU A 232 -2.03 -8.87 -4.47
CA LEU A 232 -0.85 -8.13 -4.95
C LEU A 232 0.19 -9.05 -5.56
N LEU A 233 0.44 -10.20 -4.93
CA LEU A 233 1.48 -11.09 -5.43
C LEU A 233 1.06 -11.70 -6.77
N TYR A 234 -0.19 -12.15 -6.88
CA TYR A 234 -0.72 -12.57 -8.18
C TYR A 234 -0.56 -11.46 -9.22
N ASP A 235 -0.94 -10.24 -8.87
CA ASP A 235 -0.76 -9.07 -9.73
C ASP A 235 0.68 -8.96 -10.23
N MET A 236 1.67 -9.13 -9.34
CA MET A 236 3.07 -9.00 -9.75
C MET A 236 3.48 -10.10 -10.73
N VAL A 237 3.14 -11.35 -10.44
CA VAL A 237 3.67 -12.45 -11.27
C VAL A 237 2.80 -12.77 -12.46
N CYS A 238 1.57 -12.24 -12.52
CA CYS A 238 0.70 -12.47 -13.67
C CYS A 238 0.44 -11.23 -14.51
N GLY A 239 0.76 -10.03 -13.99
CA GLY A 239 0.60 -8.81 -14.74
C GLY A 239 -0.72 -8.12 -14.56
N ASP A 240 -1.68 -8.73 -13.88
CA ASP A 240 -2.90 -8.05 -13.45
C ASP A 240 -3.51 -8.86 -12.31
N ILE A 241 -4.46 -8.24 -11.62
CA ILE A 241 -5.09 -8.86 -10.44
C ILE A 241 -5.96 -10.01 -10.90
N PRO A 242 -6.25 -11.01 -10.05
CA PRO A 242 -7.02 -12.18 -10.50
C PRO A 242 -8.53 -11.98 -10.59
N PHE A 243 -9.09 -11.10 -9.77
CA PHE A 243 -10.54 -10.98 -9.63
C PHE A 243 -10.99 -9.56 -9.96
N GLU A 244 -12.06 -9.45 -10.74
CA GLU A 244 -12.73 -8.16 -10.95
C GLU A 244 -14.12 -8.10 -10.34
N HIS A 245 -14.83 -9.22 -10.24
CA HIS A 245 -16.22 -9.24 -9.82
C HIS A 245 -16.37 -9.95 -8.47
N ASP A 246 -17.42 -9.56 -7.73
CA ASP A 246 -17.68 -10.14 -6.41
C ASP A 246 -17.71 -11.66 -6.47
N GLU A 247 -18.37 -12.22 -7.49
CA GLU A 247 -18.50 -13.67 -7.61
C GLU A 247 -17.15 -14.34 -7.77
N GLU A 248 -16.19 -13.67 -8.42
CA GLU A 248 -14.84 -14.20 -8.49
C GLU A 248 -14.14 -14.15 -7.13
N ILE A 249 -14.37 -13.07 -6.37
CA ILE A 249 -13.71 -12.94 -5.06
C ILE A 249 -14.16 -14.06 -4.13
N ILE A 250 -15.46 -14.36 -4.12
CA ILE A 250 -15.96 -15.37 -3.19
C ILE A 250 -15.87 -16.78 -3.73
N GLY A 251 -15.57 -16.96 -5.02
CA GLY A 251 -15.68 -18.26 -5.65
C GLY A 251 -14.59 -19.25 -5.27
N GLY A 252 -13.40 -18.76 -4.95
CA GLY A 252 -12.34 -19.65 -4.49
C GLY A 252 -11.52 -20.33 -5.58
N GLN A 253 -11.60 -19.87 -6.83
CA GLN A 253 -10.80 -20.42 -7.93
C GLN A 253 -9.76 -19.40 -8.36
N VAL A 254 -8.49 -19.82 -8.40
CA VAL A 254 -7.40 -18.98 -8.87
C VAL A 254 -6.83 -19.61 -10.14
N PHE A 255 -7.06 -18.96 -11.28
CA PHE A 255 -6.51 -19.39 -12.56
C PHE A 255 -5.25 -18.59 -12.85
N PHE A 256 -4.17 -19.28 -13.23
CA PHE A 256 -2.91 -18.60 -13.55
C PHE A 256 -2.79 -18.40 -15.05
N ARG A 257 -2.72 -17.13 -15.46
CA ARG A 257 -2.68 -16.73 -16.87
C ARG A 257 -1.25 -16.64 -17.40
N GLN A 258 -0.27 -16.86 -16.54
CA GLN A 258 1.14 -16.76 -16.88
C GLN A 258 1.82 -17.96 -16.25
N ARG A 259 2.98 -18.33 -16.80
N ARG A 259 2.97 -18.34 -16.81
CA ARG A 259 3.80 -19.35 -16.16
CA ARG A 259 3.80 -19.34 -16.16
C ARG A 259 4.27 -18.86 -14.79
C ARG A 259 4.24 -18.84 -14.78
N VAL A 260 3.87 -19.58 -13.74
CA VAL A 260 4.23 -19.25 -12.36
C VAL A 260 4.69 -20.54 -11.68
N SER A 261 5.81 -20.48 -10.97
CA SER A 261 6.33 -21.68 -10.30
C SER A 261 5.31 -22.26 -9.32
N GLU A 263 5.83 -23.30 -6.31
CA GLU A 263 5.99 -22.71 -4.97
C GLU A 263 5.28 -21.36 -4.87
N CYS A 264 5.41 -20.54 -5.91
CA CYS A 264 4.73 -19.25 -5.88
C CYS A 264 3.22 -19.42 -5.96
N GLN A 265 2.73 -20.31 -6.84
CA GLN A 265 1.30 -20.59 -6.89
C GLN A 265 0.78 -21.02 -5.52
N HIS A 266 1.55 -21.83 -4.80
CA HIS A 266 1.10 -22.33 -3.50
C HIS A 266 0.94 -21.19 -2.50
N LEU A 267 1.93 -20.29 -2.45
CA LEU A 267 1.84 -19.15 -1.55
C LEU A 267 0.64 -18.29 -1.90
N ILE A 268 0.43 -18.00 -3.19
CA ILE A 268 -0.70 -17.15 -3.58
C ILE A 268 -2.01 -17.80 -3.16
N ARG A 269 -2.18 -19.09 -3.45
CA ARG A 269 -3.44 -19.76 -3.13
C ARG A 269 -3.66 -19.84 -1.62
N TRP A 270 -2.58 -19.90 -0.85
CA TRP A 270 -2.68 -19.92 0.60
C TRP A 270 -3.13 -18.56 1.14
N CYS A 271 -2.53 -17.48 0.63
CA CYS A 271 -2.97 -16.13 0.99
C CYS A 271 -4.42 -15.88 0.58
N LEU A 272 -4.88 -16.53 -0.49
CA LEU A 272 -6.22 -16.35 -1.00
C LEU A 272 -7.18 -17.45 -0.53
N ALA A 273 -6.89 -18.08 0.61
CA ALA A 273 -7.83 -19.03 1.19
C ALA A 273 -9.14 -18.31 1.51
N LEU A 274 -10.27 -18.97 1.20
CA LEU A 274 -11.57 -18.34 1.41
C LEU A 274 -11.82 -18.06 2.89
N ARG A 275 -11.49 -19.00 3.76
CA ARG A 275 -11.72 -18.77 5.19
C ARG A 275 -10.52 -18.07 5.79
N PRO A 276 -10.72 -16.97 6.52
CA PRO A 276 -9.58 -16.21 7.04
C PRO A 276 -8.63 -17.02 7.91
N SER A 277 -9.15 -17.95 8.71
N SER A 277 -9.14 -17.95 8.73
CA SER A 277 -8.29 -18.77 9.57
CA SER A 277 -8.27 -18.76 9.57
C SER A 277 -7.38 -19.69 8.77
C SER A 277 -7.40 -19.73 8.78
N ASP A 278 -7.69 -19.95 7.51
CA ASP A 278 -6.87 -20.81 6.68
C ASP A 278 -5.71 -20.05 6.02
N ARG A 279 -5.67 -18.73 6.17
CA ARG A 279 -4.60 -17.95 5.56
C ARG A 279 -3.34 -18.00 6.42
N PRO A 280 -2.18 -17.81 5.81
CA PRO A 280 -0.93 -17.80 6.59
C PRO A 280 -0.81 -16.52 7.40
N THR A 281 -0.09 -16.63 8.53
CA THR A 281 0.39 -15.44 9.23
C THR A 281 1.51 -14.79 8.43
N PHE A 282 1.89 -13.56 8.82
CA PHE A 282 3.02 -12.93 8.15
C PHE A 282 4.29 -13.75 8.33
N GLU A 283 4.47 -14.34 9.52
CA GLU A 283 5.61 -15.22 9.76
C GLU A 283 5.60 -16.40 8.79
N GLU A 284 4.43 -17.03 8.59
CA GLU A 284 4.35 -18.16 7.67
C GLU A 284 4.63 -17.73 6.23
N ILE A 285 4.17 -16.55 5.83
CA ILE A 285 4.49 -16.05 4.48
C ILE A 285 5.99 -15.90 4.32
N GLN A 286 6.64 -15.24 5.28
CA GLN A 286 8.05 -14.97 5.11
C GLN A 286 8.93 -16.20 5.31
N ASN A 287 8.42 -17.25 5.95
CA ASN A 287 9.15 -18.51 6.02
C ASN A 287 8.80 -19.47 4.88
N HIS A 288 7.91 -19.06 3.97
CA HIS A 288 7.53 -19.93 2.86
C HIS A 288 8.72 -20.18 1.93
N PRO A 289 8.85 -21.39 1.38
CA PRO A 289 9.98 -21.69 0.47
C PRO A 289 10.15 -20.68 -0.66
N TRP A 290 9.05 -20.15 -1.22
CA TRP A 290 9.19 -19.21 -2.31
C TRP A 290 9.86 -17.90 -1.89
N MET A 291 9.82 -17.54 -0.61
CA MET A 291 10.35 -16.26 -0.15
C MET A 291 11.82 -16.31 0.22
N GLN A 292 12.49 -17.43 0.03
CA GLN A 292 13.85 -17.54 0.52
C GLN A 292 14.83 -16.89 -0.46
N ASP A 293 15.98 -16.47 0.08
CA ASP A 293 17.08 -15.89 -0.70
C ASP A 293 16.66 -14.63 -1.44
N VAL A 294 15.95 -13.73 -0.75
CA VAL A 294 15.54 -12.46 -1.35
C VAL A 294 16.78 -11.62 -1.70
N LEU A 295 16.66 -10.84 -2.78
CA LEU A 295 17.70 -9.87 -3.10
C LEU A 295 17.65 -8.67 -2.16
N LEU A 296 18.80 -8.06 -1.95
CA LEU A 296 18.86 -6.77 -1.27
C LEU A 296 18.30 -5.67 -2.17
N PRO A 297 17.83 -4.56 -1.58
CA PRO A 297 17.27 -3.50 -2.43
C PRO A 297 18.24 -2.97 -3.47
N GLN A 298 19.50 -2.75 -3.10
CA GLN A 298 20.50 -2.28 -4.07
C GLN A 298 20.73 -3.31 -5.18
N GLU A 299 20.81 -4.60 -4.82
CA GLU A 299 20.92 -5.64 -5.84
C GLU A 299 19.73 -5.63 -6.78
N THR A 300 18.52 -5.45 -6.23
CA THR A 300 17.32 -5.39 -7.05
C THR A 300 17.39 -4.25 -8.06
N ALA A 301 17.86 -3.07 -7.62
CA ALA A 301 17.97 -1.94 -8.53
C ALA A 301 18.99 -2.20 -9.62
N GLU A 302 20.13 -2.81 -9.28
CA GLU A 302 21.18 -3.00 -10.28
C GLU A 302 20.78 -4.05 -11.30
N ILE A 303 20.12 -5.12 -10.85
CA ILE A 303 19.76 -6.20 -11.77
C ILE A 303 18.55 -5.83 -12.61
N HIS A 304 17.55 -5.19 -12.00
CA HIS A 304 16.23 -5.06 -12.60
C HIS A 304 15.79 -3.65 -12.94
N LEU A 305 16.37 -2.61 -12.33
CA LEU A 305 15.85 -1.26 -12.47
C LEU A 305 16.80 -0.28 -13.18
N HIS A 306 18.10 -0.54 -13.18
CA HIS A 306 19.04 0.35 -13.87
C HIS A 306 19.19 -0.08 -15.32
N ALA B 1 -4.76 -8.23 -26.12
CA ALA B 1 -4.40 -8.20 -24.72
C ALA B 1 -5.56 -7.73 -23.84
N ARG B 2 -5.60 -8.23 -22.61
CA ARG B 2 -6.69 -7.98 -21.69
C ARG B 2 -6.72 -6.51 -21.26
N LYS B 3 -7.78 -6.12 -20.54
CA LYS B 3 -7.98 -4.74 -20.10
C LYS B 3 -7.60 -4.62 -18.62
N ARG B 4 -6.47 -3.99 -18.37
CA ARG B 4 -5.98 -3.75 -17.01
C ARG B 4 -6.30 -2.31 -16.63
N ARG B 5 -6.88 -2.12 -15.46
CA ARG B 5 -7.26 -0.77 -15.07
C ARG B 5 -6.99 -0.55 -13.59
N ARG B 6 -6.96 0.73 -13.22
CA ARG B 6 -6.93 1.12 -11.82
C ARG B 6 -8.33 0.96 -11.22
N HIS B 7 -8.40 0.94 -9.90
CA HIS B 7 -9.65 0.82 -9.17
C HIS B 7 -9.65 1.84 -8.05
N PRO B 8 -10.61 2.75 -8.00
CA PRO B 8 -10.65 3.73 -6.91
C PRO B 8 -11.03 3.09 -5.60
N SER B 9 -10.50 3.65 -4.51
CA SER B 9 -10.82 3.20 -3.16
C SER B 9 -11.94 4.04 -2.54
N GLY B 10 -11.57 5.14 -1.89
CA GLY B 10 -12.52 6.14 -1.41
C GLY B 10 -13.58 5.67 -0.43
#